data_7WOX
#
_entry.id   7WOX
#
_cell.length_a   93.510
_cell.length_b   61.750
_cell.length_c   119.620
_cell.angle_alpha   90.000
_cell.angle_beta   101.930
_cell.angle_gamma   90.000
#
_symmetry.space_group_name_H-M   'C 1 2 1'
#
loop_
_entity.id
_entity.type
_entity.pdbx_description
1 polymer 'Peroxisome proliferator-activated receptor gamma'
2 non-polymer N-[[5-(3-phenylprop-2-ynoylamino)-2-propoxy-phenyl]methyl]-4-pyrimidin-2-yl-benzamide
3 water water
#
_entity_poly.entity_id   1
_entity_poly.type   'polypeptide(L)'
_entity_poly.pdbx_seq_one_letter_code
;GALNPESADLRALAKHLYDSYIKSFPLTKAKARAILTGKTTDKSPFVIYDMNSLMMGEDKIKFKHITPLQEQSKEVAIRI
FQGCQFRSVEAVQEITEYAKSIPGFVNLDLNDQVTLLKYGVHEIIYTMLASLMNKDGVLISEGQGFMTREFLKSLRKPFG
DFMEPKFEFAVKFNALELDDSDLAIFIAVIILSGDRPGLLNVKPIEDIQDNLLQALELQLKLNHPESSQLFAKLLQKMTD
LRQIVTEHVQLLQVIKKTETDMSLHPLLQEIYKDLY
;
_entity_poly.pdbx_strand_id   A,B
#
loop_
_chem_comp.id
_chem_comp.type
_chem_comp.name
_chem_comp.formula
5YW non-polymer N-[[5-(3-phenylprop-2-ynoylamino)-2-propoxy-phenyl]methyl]-4-pyrimidin-2-yl-benzamide 'C30 H26 N4 O3'
#
# COMPACT_ATOMS: atom_id res chain seq x y z
N GLU A 6 -10.66 27.38 -2.82
CA GLU A 6 -10.81 28.12 -1.51
C GLU A 6 -10.55 27.14 -0.34
N SER A 7 -9.60 27.49 0.54
CA SER A 7 -9.45 26.69 1.74
C SER A 7 -10.77 26.67 2.51
N ALA A 8 -11.46 27.82 2.61
CA ALA A 8 -12.73 27.83 3.32
C ALA A 8 -13.62 26.68 2.82
N ASP A 9 -13.63 26.50 1.48
CA ASP A 9 -14.41 25.49 0.76
C ASP A 9 -14.01 24.10 1.28
N LEU A 10 -12.73 23.97 1.66
CA LEU A 10 -12.18 22.71 2.14
C LEU A 10 -12.64 22.47 3.59
N ARG A 11 -12.57 23.53 4.41
CA ARG A 11 -12.85 23.32 5.80
C ARG A 11 -14.31 22.98 5.90
N ALA A 12 -15.10 23.52 4.97
CA ALA A 12 -16.53 23.25 4.97
C ALA A 12 -16.77 21.78 4.63
N LEU A 13 -16.00 21.23 3.68
CA LEU A 13 -16.12 19.83 3.31
C LEU A 13 -15.79 19.00 4.54
N ALA A 14 -14.80 19.47 5.29
CA ALA A 14 -14.27 18.73 6.44
C ALA A 14 -15.32 18.72 7.55
N LYS A 15 -15.90 19.89 7.87
CA LYS A 15 -17.01 19.93 8.84
C LYS A 15 -18.12 18.99 8.36
N HIS A 16 -18.51 19.10 7.09
CA HIS A 16 -19.57 18.27 6.54
C HIS A 16 -19.30 16.79 6.84
N LEU A 17 -18.08 16.34 6.50
CA LEU A 17 -17.71 14.94 6.62
C LEU A 17 -17.74 14.46 8.08
N TYR A 18 -17.13 15.26 8.96
CA TYR A 18 -16.99 14.92 10.37
C TYR A 18 -18.40 14.76 10.91
N ASP A 19 -19.28 15.65 10.42
CA ASP A 19 -20.68 15.65 10.78
C ASP A 19 -21.32 14.31 10.45
N SER A 20 -21.13 13.81 9.21
CA SER A 20 -21.78 12.59 8.76
C SER A 20 -21.22 11.42 9.55
N TYR A 21 -19.94 11.56 9.88
CA TYR A 21 -19.19 10.52 10.56
C TYR A 21 -19.82 10.27 11.94
N ILE A 22 -20.07 11.37 12.67
CA ILE A 22 -20.72 11.35 13.98
C ILE A 22 -22.11 10.70 13.85
N LYS A 23 -22.82 10.97 12.73
CA LYS A 23 -24.19 10.56 12.54
C LYS A 23 -24.28 9.07 12.21
N SER A 24 -23.24 8.55 11.56
CA SER A 24 -23.28 7.20 11.00
C SER A 24 -22.66 6.19 11.97
N PHE A 25 -21.70 6.63 12.80
CA PHE A 25 -20.84 5.76 13.62
C PHE A 25 -21.11 6.00 15.10
N PRO A 26 -21.92 5.12 15.73
CA PRO A 26 -22.29 5.35 17.13
C PRO A 26 -21.05 5.28 18.04
N LEU A 27 -20.02 4.45 17.74
CA LEU A 27 -18.87 4.42 18.62
C LEU A 27 -17.65 5.10 17.98
N THR A 28 -17.53 6.41 18.27
CA THR A 28 -16.41 7.25 17.87
C THR A 28 -15.12 6.88 18.60
N LYS A 29 -13.99 7.38 18.10
CA LYS A 29 -12.72 7.13 18.75
C LYS A 29 -12.57 7.93 20.04
N ALA A 30 -13.19 9.11 20.11
CA ALA A 30 -13.18 9.89 21.34
C ALA A 30 -13.87 9.11 22.44
N LYS A 31 -15.06 8.56 22.15
CA LYS A 31 -15.72 7.76 23.16
C LYS A 31 -14.89 6.51 23.49
N ALA A 32 -14.46 5.77 22.46
CA ALA A 32 -13.65 4.58 22.72
C ALA A 32 -12.51 4.85 23.74
N ARG A 33 -11.85 6.02 23.66
CA ARG A 33 -10.64 6.27 24.40
C ARG A 33 -10.96 6.70 25.82
N ALA A 34 -12.11 7.36 26.00
CA ALA A 34 -12.53 7.60 27.38
C ALA A 34 -12.74 6.26 28.08
N ILE A 35 -13.29 5.28 27.36
CA ILE A 35 -13.52 3.95 27.93
C ILE A 35 -12.20 3.23 28.22
N LEU A 36 -11.18 3.40 27.37
CA LEU A 36 -9.97 2.58 27.45
C LEU A 36 -9.00 3.20 28.43
N THR A 37 -9.11 4.52 28.61
CA THR A 37 -8.22 5.20 29.56
C THR A 37 -8.77 5.11 30.99
N GLY A 38 -9.92 4.43 31.21
CA GLY A 38 -10.48 4.31 32.56
C GLY A 38 -10.95 5.71 33.07
N LYS A 39 -11.38 6.58 32.10
CA LYS A 39 -11.89 7.99 32.42
C LYS A 39 -12.76 7.86 33.75
N THR A 40 -13.95 7.25 33.59
CA THR A 40 -15.09 7.47 34.51
C THR A 40 -15.46 6.14 35.24
N THR A 41 -16.41 6.24 36.22
CA THR A 41 -16.91 5.03 36.87
C THR A 41 -18.19 4.47 36.25
N ASP A 42 -18.75 5.14 35.23
CA ASP A 42 -19.98 4.62 34.59
C ASP A 42 -19.67 3.92 33.24
N LYS A 43 -18.42 4.09 32.76
CA LYS A 43 -18.11 3.64 31.41
C LYS A 43 -17.19 2.43 31.44
N SER A 44 -16.97 1.84 32.63
CA SER A 44 -15.98 0.77 32.77
C SER A 44 -16.46 -0.54 32.14
N PRO A 45 -15.69 -1.13 31.18
CA PRO A 45 -16.12 -2.33 30.46
C PRO A 45 -15.99 -3.57 31.34
N PHE A 46 -16.68 -4.66 30.94
CA PHE A 46 -16.38 -5.97 31.48
C PHE A 46 -15.16 -6.54 30.77
N VAL A 47 -14.16 -7.03 31.53
CA VAL A 47 -12.92 -7.50 30.92
C VAL A 47 -12.96 -9.04 30.73
N ILE A 48 -12.75 -9.50 29.49
CA ILE A 48 -12.84 -10.91 29.03
C ILE A 48 -11.45 -11.41 28.66
N TYR A 49 -10.96 -12.42 29.39
CA TYR A 49 -9.55 -12.79 29.28
C TYR A 49 -9.41 -14.30 29.44
N ASP A 50 -10.51 -14.98 29.84
CA ASP A 50 -10.56 -16.43 29.90
C ASP A 50 -12.00 -16.92 29.66
N MET A 51 -12.18 -18.25 29.73
CA MET A 51 -13.43 -18.88 29.29
C MET A 51 -14.60 -18.59 30.23
N ASN A 52 -14.35 -18.61 31.56
CA ASN A 52 -15.42 -18.29 32.51
C ASN A 52 -15.75 -16.79 32.46
N SER A 53 -14.73 -15.99 32.15
CA SER A 53 -14.97 -14.56 32.03
C SER A 53 -15.85 -14.37 30.80
N LEU A 54 -15.61 -15.21 29.76
CA LEU A 54 -16.43 -15.12 28.58
C LEU A 54 -17.89 -15.39 28.96
N MET A 55 -18.09 -16.56 29.58
CA MET A 55 -19.36 -16.99 30.14
C MET A 55 -20.03 -15.83 30.88
N MET A 56 -19.43 -15.42 32.01
CA MET A 56 -20.07 -14.46 32.88
C MET A 56 -20.39 -13.17 32.11
N GLY A 57 -19.54 -12.88 31.11
CA GLY A 57 -19.61 -11.66 30.30
C GLY A 57 -20.88 -11.62 29.43
N GLU A 58 -21.47 -12.80 29.16
CA GLU A 58 -22.70 -12.83 28.37
C GLU A 58 -23.87 -12.38 29.26
N ASP A 59 -23.67 -12.51 30.58
CA ASP A 59 -24.63 -12.06 31.57
C ASP A 59 -24.63 -10.53 31.77
N LYS A 60 -23.44 -9.90 31.64
CA LYS A 60 -23.32 -8.48 32.04
C LYS A 60 -23.38 -7.58 30.80
N ILE A 61 -23.05 -8.12 29.63
CA ILE A 61 -23.06 -7.36 28.35
C ILE A 61 -23.90 -8.18 27.34
N LYS A 62 -24.12 -7.49 26.14
CA LYS A 62 -24.94 -8.16 25.10
C LYS A 62 -24.18 -8.20 23.74
N LYS A 74 -22.65 -25.09 20.10
CA LYS A 74 -21.47 -24.53 19.38
C LYS A 74 -20.30 -24.36 20.36
N GLU A 75 -19.21 -23.76 19.86
CA GLU A 75 -17.89 -23.83 20.47
C GLU A 75 -17.42 -22.41 20.79
N VAL A 76 -16.31 -22.28 21.51
CA VAL A 76 -15.87 -20.98 21.99
C VAL A 76 -15.20 -20.21 20.86
N ALA A 77 -14.13 -20.77 20.27
CA ALA A 77 -13.48 -20.06 19.19
C ALA A 77 -14.50 -19.68 18.14
N ILE A 78 -15.52 -20.53 17.93
CA ILE A 78 -16.48 -20.37 16.84
C ILE A 78 -17.48 -19.26 17.19
N ARG A 79 -17.84 -19.17 18.47
CA ARG A 79 -18.86 -18.23 18.91
C ARG A 79 -18.31 -16.82 18.90
N ILE A 80 -16.99 -16.69 19.10
CA ILE A 80 -16.23 -15.44 19.04
C ILE A 80 -16.14 -14.96 17.60
N PHE A 81 -15.71 -15.87 16.70
CA PHE A 81 -15.57 -15.57 15.29
C PHE A 81 -16.91 -15.11 14.71
N GLN A 82 -17.97 -15.90 14.88
CA GLN A 82 -19.24 -15.39 14.38
C GLN A 82 -19.61 -14.09 15.12
N GLY A 83 -18.92 -13.82 16.21
CA GLY A 83 -19.24 -12.61 16.97
C GLY A 83 -18.70 -11.39 16.26
N CYS A 84 -17.56 -11.62 15.52
CA CYS A 84 -17.01 -10.61 14.63
C CYS A 84 -17.82 -10.51 13.35
N GLN A 85 -18.32 -11.65 12.86
CA GLN A 85 -19.01 -11.71 11.58
C GLN A 85 -20.25 -10.84 11.53
N PHE A 86 -21.20 -11.04 12.46
CA PHE A 86 -22.34 -10.14 12.62
C PHE A 86 -21.90 -8.68 12.85
N ARG A 87 -20.77 -8.50 13.54
CA ARG A 87 -20.30 -7.15 13.81
C ARG A 87 -20.00 -6.45 12.48
N SER A 88 -19.31 -7.16 11.58
CA SER A 88 -18.77 -6.60 10.35
C SER A 88 -19.87 -6.29 9.34
N VAL A 89 -20.95 -7.07 9.43
CA VAL A 89 -22.17 -6.73 8.73
C VAL A 89 -22.70 -5.41 9.26
N GLU A 90 -22.62 -5.19 10.58
CA GLU A 90 -23.09 -3.94 11.15
C GLU A 90 -22.28 -2.78 10.58
N ALA A 91 -20.95 -2.94 10.61
CA ALA A 91 -19.98 -1.95 10.14
C ALA A 91 -20.28 -1.62 8.67
N VAL A 92 -20.54 -2.67 7.91
CA VAL A 92 -20.71 -2.44 6.50
C VAL A 92 -21.89 -1.48 6.36
N GLN A 93 -22.96 -1.75 7.09
CA GLN A 93 -24.14 -0.92 7.06
C GLN A 93 -23.76 0.50 7.38
N GLU A 94 -22.92 0.64 8.42
CA GLU A 94 -22.53 1.95 8.90
C GLU A 94 -21.81 2.69 7.79
N ILE A 95 -20.86 1.97 7.19
CA ILE A 95 -20.00 2.59 6.19
C ILE A 95 -20.86 2.94 4.99
N THR A 96 -21.85 2.08 4.73
CA THR A 96 -22.62 2.33 3.53
C THR A 96 -23.36 3.64 3.73
N GLU A 97 -23.83 3.85 4.96
CA GLU A 97 -24.57 5.07 5.23
C GLU A 97 -23.63 6.26 5.03
N TYR A 98 -22.48 6.19 5.68
CA TYR A 98 -21.51 7.25 5.55
C TYR A 98 -21.28 7.56 4.08
N ALA A 99 -21.12 6.50 3.28
CA ALA A 99 -20.64 6.67 1.93
C ALA A 99 -21.60 7.59 1.19
N LYS A 100 -22.89 7.31 1.36
CA LYS A 100 -23.93 8.06 0.70
C LYS A 100 -23.77 9.55 0.97
N SER A 101 -23.09 9.92 2.07
CA SER A 101 -23.08 11.33 2.41
C SER A 101 -21.90 12.03 1.72
N ILE A 102 -20.96 11.25 1.17
CA ILE A 102 -19.75 11.86 0.63
C ILE A 102 -20.13 12.57 -0.66
N PRO A 103 -19.90 13.90 -0.73
CA PRO A 103 -20.22 14.68 -1.92
C PRO A 103 -19.80 13.99 -3.22
N GLY A 104 -20.79 13.70 -4.08
CA GLY A 104 -20.53 13.07 -5.36
C GLY A 104 -20.85 11.57 -5.38
N PHE A 105 -20.49 10.88 -4.29
CA PHE A 105 -20.54 9.42 -4.26
C PHE A 105 -21.82 8.85 -4.89
N VAL A 106 -22.99 9.39 -4.56
CA VAL A 106 -24.21 8.68 -4.93
C VAL A 106 -24.50 8.93 -6.39
N ASN A 107 -23.87 9.98 -6.95
CA ASN A 107 -24.13 10.37 -8.34
C ASN A 107 -23.36 9.49 -9.34
N LEU A 108 -22.33 8.80 -8.86
CA LEU A 108 -21.45 8.01 -9.72
C LEU A 108 -22.23 6.86 -10.36
N ASP A 109 -21.58 6.17 -11.30
CA ASP A 109 -22.15 4.93 -11.81
C ASP A 109 -22.49 4.01 -10.64
N LEU A 110 -23.65 3.39 -10.69
CA LEU A 110 -24.10 2.56 -9.59
C LEU A 110 -23.17 1.36 -9.46
N ASN A 111 -22.74 0.81 -10.62
CA ASN A 111 -21.90 -0.38 -10.62
C ASN A 111 -20.55 0.00 -10.06
N ASP A 112 -20.21 1.29 -10.17
CA ASP A 112 -18.99 1.78 -9.53
C ASP A 112 -19.17 1.87 -8.01
N GLN A 113 -20.28 2.51 -7.57
CA GLN A 113 -20.70 2.59 -6.18
C GLN A 113 -20.46 1.22 -5.53
N VAL A 114 -21.07 0.17 -6.08
CA VAL A 114 -20.91 -1.13 -5.47
C VAL A 114 -19.41 -1.48 -5.40
N THR A 115 -18.71 -1.32 -6.51
CA THR A 115 -17.31 -1.68 -6.51
C THR A 115 -16.52 -0.98 -5.38
N LEU A 116 -16.69 0.34 -5.22
CA LEU A 116 -15.89 1.09 -4.27
C LEU A 116 -16.12 0.60 -2.84
N LEU A 117 -17.38 0.26 -2.50
CA LEU A 117 -17.70 -0.21 -1.16
C LEU A 117 -17.08 -1.59 -1.02
N LYS A 118 -17.20 -2.42 -2.06
CA LYS A 118 -16.78 -3.81 -2.00
C LYS A 118 -15.31 -3.90 -1.58
N TYR A 119 -14.46 -3.03 -2.12
CA TYR A 119 -13.04 -3.12 -1.79
C TYR A 119 -12.71 -2.14 -0.67
N GLY A 120 -13.60 -1.19 -0.39
CA GLY A 120 -13.24 -0.21 0.62
C GLY A 120 -13.66 -0.58 2.05
N VAL A 121 -14.68 -1.46 2.14
CA VAL A 121 -15.33 -1.82 3.40
C VAL A 121 -14.33 -2.39 4.43
N HIS A 122 -13.57 -3.43 4.07
CA HIS A 122 -12.61 -4.02 4.99
C HIS A 122 -11.53 -3.02 5.40
N GLU A 123 -10.94 -2.32 4.43
CA GLU A 123 -9.85 -1.42 4.73
C GLU A 123 -10.33 -0.36 5.72
N ILE A 124 -11.59 0.08 5.61
CA ILE A 124 -12.17 0.99 6.59
C ILE A 124 -12.41 0.32 7.96
N ILE A 125 -13.04 -0.88 7.96
CA ILE A 125 -13.30 -1.63 9.17
C ILE A 125 -12.05 -1.70 10.02
N TYR A 126 -10.88 -2.03 9.44
CA TYR A 126 -9.62 -2.16 10.19
C TYR A 126 -9.07 -0.82 10.71
N THR A 127 -9.30 0.26 9.95
CA THR A 127 -8.87 1.60 10.33
C THR A 127 -9.59 2.03 11.61
N MET A 128 -10.91 1.82 11.59
CA MET A 128 -11.77 2.24 12.67
C MET A 128 -11.77 1.23 13.82
N LEU A 129 -11.53 -0.05 13.52
CA LEU A 129 -11.35 -1.00 14.60
C LEU A 129 -10.16 -0.62 15.46
N ALA A 130 -9.16 0.09 14.89
CA ALA A 130 -7.99 0.47 15.67
C ALA A 130 -8.44 1.42 16.76
N SER A 131 -9.43 2.28 16.48
CA SER A 131 -9.91 3.22 17.48
C SER A 131 -10.23 2.50 18.77
N LEU A 132 -10.64 1.22 18.67
CA LEU A 132 -11.18 0.48 19.80
C LEU A 132 -10.11 -0.40 20.43
N MET A 133 -8.87 -0.31 19.93
CA MET A 133 -7.85 -1.20 20.47
C MET A 133 -6.80 -0.38 21.20
N ASN A 134 -6.04 -1.06 22.03
CA ASN A 134 -4.82 -0.53 22.58
C ASN A 134 -3.90 -1.74 22.60
N LYS A 135 -2.70 -1.59 23.14
CA LYS A 135 -1.77 -2.70 23.00
C LYS A 135 -2.22 -3.96 23.76
N ASP A 136 -3.20 -3.83 24.67
CA ASP A 136 -3.57 -4.99 25.47
C ASP A 136 -4.85 -5.72 24.99
N GLY A 137 -5.64 -5.13 24.09
CA GLY A 137 -6.89 -5.81 23.73
C GLY A 137 -7.83 -4.88 23.00
N VAL A 138 -9.09 -5.32 22.82
CA VAL A 138 -10.04 -4.63 21.94
C VAL A 138 -11.42 -4.55 22.57
N LEU A 139 -12.14 -3.41 22.37
CA LEU A 139 -13.49 -3.15 22.91
C LEU A 139 -14.56 -3.84 22.06
N ILE A 140 -15.51 -4.57 22.67
CA ILE A 140 -16.58 -5.23 21.93
C ILE A 140 -17.93 -4.70 22.42
N SER A 141 -18.99 -5.00 21.68
CA SER A 141 -20.37 -4.71 22.07
C SER A 141 -20.57 -3.24 22.50
N GLU A 142 -20.20 -2.33 21.60
CA GLU A 142 -20.42 -0.90 21.76
C GLU A 142 -19.77 -0.35 23.02
N GLY A 143 -18.68 -0.98 23.43
CA GLY A 143 -17.85 -0.49 24.52
C GLY A 143 -18.24 -1.13 25.83
N GLN A 144 -19.28 -1.97 25.84
CA GLN A 144 -19.69 -2.58 27.08
C GLN A 144 -18.66 -3.60 27.52
N GLY A 145 -17.99 -4.25 26.58
CA GLY A 145 -17.03 -5.27 26.97
C GLY A 145 -15.62 -4.96 26.46
N PHE A 146 -14.64 -5.80 26.86
CA PHE A 146 -13.28 -5.67 26.38
C PHE A 146 -12.61 -7.04 26.38
N MET A 147 -12.17 -7.47 25.19
CA MET A 147 -11.59 -8.79 25.06
C MET A 147 -10.07 -8.64 24.92
N THR A 148 -9.32 -9.25 25.83
CA THR A 148 -7.88 -9.07 25.94
C THR A 148 -7.19 -9.71 24.76
N ARG A 149 -6.08 -9.09 24.31
CA ARG A 149 -5.34 -9.57 23.15
C ARG A 149 -4.94 -11.03 23.40
N GLU A 150 -4.51 -11.30 24.64
CA GLU A 150 -3.96 -12.59 25.01
C GLU A 150 -4.97 -13.72 24.87
N PHE A 151 -6.19 -13.50 25.36
CA PHE A 151 -7.27 -14.47 25.22
C PHE A 151 -7.44 -14.79 23.73
N LEU A 152 -7.70 -13.76 22.89
CA LEU A 152 -7.86 -13.94 21.45
C LEU A 152 -6.74 -14.83 20.91
N LYS A 153 -5.53 -14.52 21.38
CA LYS A 153 -4.31 -15.09 20.83
C LYS A 153 -4.18 -16.56 21.22
N SER A 154 -4.84 -16.95 22.32
CA SER A 154 -4.82 -18.32 22.80
C SER A 154 -5.94 -19.12 22.11
N LEU A 155 -6.72 -18.45 21.23
CA LEU A 155 -7.83 -19.10 20.55
C LEU A 155 -7.28 -20.20 19.60
N ARG A 156 -7.96 -21.37 19.57
CA ARG A 156 -7.41 -22.54 18.91
C ARG A 156 -7.05 -22.21 17.45
N LYS A 157 -6.21 -23.10 16.89
CA LYS A 157 -5.81 -22.99 15.50
C LYS A 157 -7.05 -23.37 14.68
N PRO A 158 -7.37 -22.61 13.61
CA PRO A 158 -6.53 -21.49 13.15
C PRO A 158 -7.11 -20.12 13.50
N PHE A 159 -7.78 -20.02 14.67
CA PHE A 159 -8.42 -18.76 15.07
C PHE A 159 -7.49 -18.00 16.03
N GLY A 160 -6.37 -18.66 16.41
CA GLY A 160 -5.33 -18.04 17.21
C GLY A 160 -4.94 -16.65 16.70
N ASP A 161 -4.62 -16.53 15.41
CA ASP A 161 -3.97 -15.32 14.94
C ASP A 161 -4.81 -14.61 13.85
N PHE A 162 -6.14 -14.60 14.05
CA PHE A 162 -6.99 -13.87 13.10
C PHE A 162 -7.00 -12.38 13.49
N MET A 163 -6.65 -12.09 14.78
CA MET A 163 -6.72 -10.74 15.30
C MET A 163 -5.33 -10.20 15.54
N GLU A 164 -4.35 -11.09 15.59
CA GLU A 164 -3.00 -10.65 15.91
C GLU A 164 -2.57 -9.49 15.00
N PRO A 165 -2.55 -9.66 13.65
CA PRO A 165 -2.05 -8.61 12.76
C PRO A 165 -2.73 -7.24 12.95
N LYS A 166 -4.08 -7.26 13.17
CA LYS A 166 -4.91 -6.08 13.42
C LYS A 166 -4.35 -5.29 14.62
N PHE A 167 -3.94 -6.01 15.65
CA PHE A 167 -3.36 -5.31 16.79
C PHE A 167 -2.08 -4.58 16.34
N GLU A 168 -1.34 -5.23 15.43
CA GLU A 168 0.00 -4.76 15.11
C GLU A 168 -0.16 -3.45 14.36
N PHE A 169 -1.09 -3.49 13.41
CA PHE A 169 -1.41 -2.31 12.60
C PHE A 169 -1.99 -1.18 13.47
N ALA A 170 -2.77 -1.57 14.49
CA ALA A 170 -3.47 -0.57 15.25
C ALA A 170 -2.47 0.21 16.10
N VAL A 171 -1.54 -0.54 16.70
CA VAL A 171 -0.62 0.06 17.64
C VAL A 171 0.25 1.08 16.90
N LYS A 172 0.64 0.74 15.65
CA LYS A 172 1.43 1.63 14.80
C LYS A 172 0.57 2.83 14.42
N PHE A 173 -0.64 2.51 13.93
CA PHE A 173 -1.58 3.50 13.45
C PHE A 173 -1.94 4.47 14.57
N ASN A 174 -2.15 3.92 15.79
CA ASN A 174 -2.76 4.73 16.82
C ASN A 174 -1.73 5.76 17.32
N ALA A 175 -0.46 5.48 17.01
CA ALA A 175 0.59 6.37 17.48
C ALA A 175 0.61 7.68 16.67
N LEU A 176 0.04 7.71 15.45
CA LEU A 176 -0.11 8.94 14.67
C LEU A 176 -1.02 9.95 15.39
N GLU A 177 -1.81 9.43 16.35
CA GLU A 177 -2.68 10.18 17.25
C GLU A 177 -3.77 10.95 16.52
N LEU A 178 -4.39 10.30 15.50
CA LEU A 178 -5.43 10.99 14.77
C LEU A 178 -6.66 11.09 15.67
N ASP A 179 -7.54 12.04 15.35
CA ASP A 179 -8.80 12.08 16.06
C ASP A 179 -9.96 11.84 15.09
N ASP A 180 -11.20 11.90 15.59
CA ASP A 180 -12.32 11.58 14.73
C ASP A 180 -12.33 12.46 13.48
N SER A 181 -12.02 13.74 13.65
CA SER A 181 -12.25 14.66 12.56
C SER A 181 -11.25 14.36 11.43
N ASP A 182 -10.06 13.93 11.81
CA ASP A 182 -9.07 13.51 10.82
C ASP A 182 -9.58 12.27 10.09
N LEU A 183 -10.14 11.31 10.83
CA LEU A 183 -10.46 9.98 10.31
C LEU A 183 -11.61 10.05 9.32
N ALA A 184 -12.57 10.94 9.58
CA ALA A 184 -13.72 11.08 8.71
C ALA A 184 -13.23 11.36 7.30
N ILE A 185 -12.23 12.25 7.17
CA ILE A 185 -11.73 12.58 5.85
C ILE A 185 -11.02 11.35 5.28
N PHE A 186 -10.29 10.64 6.15
CA PHE A 186 -9.36 9.61 5.71
C PHE A 186 -10.13 8.37 5.24
N ILE A 187 -11.28 8.08 5.89
CA ILE A 187 -12.07 6.94 5.40
C ILE A 187 -12.82 7.30 4.14
N ALA A 188 -13.05 8.60 3.91
CA ALA A 188 -13.60 9.08 2.65
C ALA A 188 -12.54 8.93 1.54
N VAL A 189 -11.26 9.22 1.89
CA VAL A 189 -10.23 9.04 0.89
C VAL A 189 -10.20 7.57 0.43
N ILE A 190 -10.24 6.63 1.39
CA ILE A 190 -10.20 5.20 1.07
C ILE A 190 -11.33 4.84 0.12
N ILE A 191 -12.56 5.26 0.44
CA ILE A 191 -13.69 4.81 -0.36
C ILE A 191 -13.45 5.19 -1.84
N LEU A 192 -12.92 6.40 -2.05
CA LEU A 192 -12.81 6.94 -3.38
C LEU A 192 -11.38 6.77 -3.91
N SER A 193 -11.01 5.50 -4.08
CA SER A 193 -9.75 5.10 -4.67
C SER A 193 -9.99 4.60 -6.09
N GLY A 194 -9.45 5.35 -7.06
CA GLY A 194 -9.74 5.08 -8.47
C GLY A 194 -9.09 3.80 -9.00
N ASP A 195 -8.34 3.09 -8.16
CA ASP A 195 -7.53 1.99 -8.63
C ASP A 195 -8.17 0.66 -8.25
N ARG A 196 -9.49 0.65 -8.09
CA ARG A 196 -10.13 -0.57 -7.65
C ARG A 196 -10.51 -1.43 -8.85
N PRO A 197 -10.48 -2.76 -8.67
CA PRO A 197 -10.79 -3.69 -9.76
C PRO A 197 -12.22 -3.52 -10.27
N GLY A 198 -12.40 -3.54 -11.62
CA GLY A 198 -13.72 -3.45 -12.27
C GLY A 198 -14.35 -2.06 -12.25
N LEU A 199 -13.59 -0.97 -11.96
CA LEU A 199 -14.16 0.38 -11.95
C LEU A 199 -14.47 0.85 -13.37
N LEU A 200 -15.69 1.36 -13.57
CA LEU A 200 -16.12 1.77 -14.90
C LEU A 200 -15.39 3.07 -15.24
N ASN A 201 -15.90 4.22 -14.75
CA ASN A 201 -15.21 5.49 -15.00
C ASN A 201 -14.35 5.85 -13.79
N VAL A 202 -13.04 5.89 -14.02
CA VAL A 202 -12.11 6.18 -12.95
C VAL A 202 -11.98 7.69 -12.71
N LYS A 203 -11.93 8.47 -13.80
CA LYS A 203 -11.69 9.89 -13.64
C LYS A 203 -12.66 10.49 -12.61
N PRO A 204 -14.00 10.35 -12.77
CA PRO A 204 -14.92 11.10 -11.89
C PRO A 204 -14.62 10.79 -10.42
N ILE A 205 -14.18 9.55 -10.15
CA ILE A 205 -13.85 9.11 -8.79
C ILE A 205 -12.62 9.85 -8.25
N GLU A 206 -11.56 9.91 -9.06
CA GLU A 206 -10.32 10.57 -8.70
C GLU A 206 -10.53 12.07 -8.49
N ASP A 207 -11.48 12.67 -9.22
CA ASP A 207 -11.73 14.10 -9.03
C ASP A 207 -12.33 14.37 -7.65
N ILE A 208 -13.11 13.39 -7.14
CA ILE A 208 -13.71 13.52 -5.81
C ILE A 208 -12.64 13.31 -4.75
N GLN A 209 -11.78 12.30 -5.00
CA GLN A 209 -10.72 11.99 -4.05
C GLN A 209 -9.74 13.15 -4.01
N ASP A 210 -9.46 13.73 -5.17
CA ASP A 210 -8.52 14.84 -5.23
C ASP A 210 -8.93 15.87 -4.17
N ASN A 211 -10.22 16.17 -4.16
CA ASN A 211 -10.80 17.11 -3.24
C ASN A 211 -10.68 16.63 -1.80
N LEU A 212 -11.00 15.34 -1.62
CA LEU A 212 -10.87 14.73 -0.31
C LEU A 212 -9.41 14.79 0.16
N LEU A 213 -8.48 14.46 -0.74
CA LEU A 213 -7.08 14.47 -0.38
C LEU A 213 -6.73 15.89 0.04
N GLN A 214 -7.33 16.83 -0.68
CA GLN A 214 -6.99 18.24 -0.53
C GLN A 214 -7.46 18.70 0.84
N ALA A 215 -8.71 18.31 1.15
CA ALA A 215 -9.29 18.62 2.45
C ALA A 215 -8.39 18.05 3.55
N LEU A 216 -7.97 16.78 3.38
CA LEU A 216 -7.30 16.04 4.45
C LEU A 216 -5.98 16.73 4.72
N GLU A 217 -5.34 17.15 3.63
CA GLU A 217 -4.08 17.89 3.70
C GLU A 217 -4.26 19.07 4.65
N LEU A 218 -5.19 19.97 4.30
CA LEU A 218 -5.48 21.15 5.09
C LEU A 218 -5.83 20.77 6.54
N GLN A 219 -6.85 19.90 6.68
CA GLN A 219 -7.22 19.33 7.97
C GLN A 219 -5.97 19.02 8.82
N LEU A 220 -5.06 18.14 8.31
CA LEU A 220 -3.96 17.66 9.13
C LEU A 220 -3.05 18.81 9.49
N LYS A 221 -2.88 19.75 8.57
CA LYS A 221 -1.96 20.86 8.79
C LYS A 221 -2.48 21.70 9.96
N LEU A 222 -3.80 21.97 9.93
CA LEU A 222 -4.44 22.84 10.92
C LEU A 222 -4.50 22.15 12.30
N ASN A 223 -4.94 20.89 12.29
CA ASN A 223 -5.29 20.15 13.50
C ASN A 223 -4.02 19.66 14.21
N HIS A 224 -2.93 19.41 13.47
CA HIS A 224 -1.75 18.74 13.99
C HIS A 224 -0.49 19.49 13.58
N PRO A 225 -0.38 20.81 13.85
CA PRO A 225 0.60 21.65 13.17
C PRO A 225 2.04 21.19 13.48
N GLU A 226 2.22 20.48 14.59
CA GLU A 226 3.57 20.08 14.95
C GLU A 226 3.84 18.64 14.54
N SER A 227 2.84 18.01 13.89
CA SER A 227 3.05 16.66 13.38
C SER A 227 3.60 16.70 11.96
N SER A 228 4.94 16.73 11.79
CA SER A 228 5.64 16.93 10.52
C SER A 228 5.44 15.80 9.50
N GLN A 229 4.98 16.13 8.28
CA GLN A 229 4.69 15.17 7.20
C GLN A 229 3.64 14.10 7.58
N LEU A 230 2.76 14.39 8.55
CA LEU A 230 1.77 13.43 8.97
C LEU A 230 1.03 12.97 7.71
N PHE A 231 0.64 13.96 6.89
CA PHE A 231 -0.22 13.65 5.75
C PHE A 231 0.36 12.51 4.91
N ALA A 232 1.66 12.60 4.60
CA ALA A 232 2.26 11.53 3.82
C ALA A 232 2.33 10.25 4.66
N LYS A 233 2.51 10.40 5.99
CA LYS A 233 2.77 9.26 6.89
C LYS A 233 1.48 8.46 6.98
N LEU A 234 0.36 9.20 6.95
CA LEU A 234 -0.98 8.64 6.94
C LEU A 234 -1.27 7.94 5.61
N LEU A 235 -0.98 8.60 4.48
CA LEU A 235 -1.22 7.98 3.19
C LEU A 235 -0.48 6.64 3.00
N GLN A 236 0.70 6.43 3.62
CA GLN A 236 1.43 5.21 3.34
C GLN A 236 0.82 4.06 4.14
N LYS A 237 0.05 4.42 5.16
CA LYS A 237 -0.58 3.38 5.94
C LYS A 237 -1.51 2.55 5.03
N MET A 238 -1.97 3.16 3.92
CA MET A 238 -2.87 2.42 3.03
C MET A 238 -2.23 1.12 2.51
N THR A 239 -0.92 0.97 2.74
CA THR A 239 -0.35 -0.24 2.19
C THR A 239 -0.47 -1.34 3.22
N ASP A 240 -0.33 -0.92 4.48
CA ASP A 240 -0.42 -1.86 5.56
C ASP A 240 -1.83 -2.43 5.58
N LEU A 241 -2.82 -1.52 5.40
CA LEU A 241 -4.22 -1.90 5.36
C LEU A 241 -4.37 -3.01 4.34
N ARG A 242 -3.93 -2.77 3.10
CA ARG A 242 -4.29 -3.67 2.03
C ARG A 242 -3.73 -5.05 2.41
N GLN A 243 -2.58 -4.99 3.06
CA GLN A 243 -1.87 -6.19 3.44
C GLN A 243 -2.74 -7.01 4.39
N ILE A 244 -3.30 -6.33 5.39
CA ILE A 244 -4.16 -6.94 6.40
C ILE A 244 -5.36 -7.65 5.76
N VAL A 245 -6.00 -6.96 4.80
CA VAL A 245 -7.15 -7.44 4.03
C VAL A 245 -6.78 -8.80 3.41
N THR A 246 -5.66 -8.84 2.67
CA THR A 246 -5.38 -10.06 1.90
C THR A 246 -5.13 -11.24 2.83
N GLU A 247 -4.47 -10.95 3.96
CA GLU A 247 -4.23 -11.94 5.01
C GLU A 247 -5.57 -12.44 5.54
N HIS A 248 -6.54 -11.52 5.65
CA HIS A 248 -7.88 -11.85 6.10
C HIS A 248 -8.47 -12.90 5.17
N VAL A 249 -8.72 -12.47 3.93
CA VAL A 249 -9.40 -13.27 2.92
C VAL A 249 -8.80 -14.66 2.88
N GLN A 250 -7.48 -14.73 3.01
CA GLN A 250 -6.82 -16.00 2.90
C GLN A 250 -7.29 -16.88 4.06
N LEU A 251 -7.28 -16.28 5.27
CA LEU A 251 -7.54 -17.00 6.50
C LEU A 251 -8.97 -17.58 6.49
N LEU A 252 -9.94 -16.75 6.02
CA LEU A 252 -11.32 -17.16 5.81
C LEU A 252 -11.40 -18.42 4.95
N GLN A 253 -10.56 -18.48 3.90
CA GLN A 253 -10.69 -19.56 2.93
C GLN A 253 -10.32 -20.89 3.56
N VAL A 254 -9.43 -20.86 4.55
CA VAL A 254 -9.11 -22.08 5.26
C VAL A 254 -10.27 -22.36 6.23
N ILE A 255 -10.78 -21.32 6.93
CA ILE A 255 -11.91 -21.45 7.84
C ILE A 255 -13.05 -22.24 7.16
N LYS A 256 -13.34 -21.87 5.90
CA LYS A 256 -14.44 -22.40 5.11
C LYS A 256 -14.29 -23.90 4.76
N LYS A 257 -13.09 -24.49 4.94
CA LYS A 257 -12.97 -25.91 4.54
C LYS A 257 -12.80 -26.81 5.77
N THR A 258 -12.16 -26.27 6.83
CA THR A 258 -12.06 -26.95 8.11
C THR A 258 -13.46 -26.98 8.75
N GLU A 259 -14.25 -25.94 8.45
CA GLU A 259 -15.53 -25.64 9.09
C GLU A 259 -16.66 -25.50 8.05
N THR A 260 -16.94 -26.61 7.31
CA THR A 260 -18.07 -26.71 6.37
C THR A 260 -19.41 -26.66 7.12
N ASP A 261 -19.33 -26.76 8.47
CA ASP A 261 -20.48 -26.61 9.35
C ASP A 261 -20.57 -25.15 9.84
N MET A 262 -19.90 -24.19 9.13
CA MET A 262 -19.93 -22.80 9.58
C MET A 262 -20.38 -21.89 8.45
N SER A 263 -21.30 -20.95 8.82
CA SER A 263 -22.00 -20.05 7.90
C SER A 263 -21.25 -18.71 7.79
N LEU A 264 -21.37 -18.07 6.61
CA LEU A 264 -21.01 -16.67 6.42
C LEU A 264 -22.27 -15.90 6.00
N HIS A 265 -22.43 -14.67 6.54
CA HIS A 265 -23.56 -13.78 6.26
C HIS A 265 -23.55 -13.41 4.78
N PRO A 266 -24.76 -13.22 4.16
CA PRO A 266 -24.87 -12.96 2.70
C PRO A 266 -24.12 -11.71 2.24
N LEU A 267 -24.43 -10.60 2.88
CA LEU A 267 -23.72 -9.35 2.68
C LEU A 267 -22.20 -9.59 2.70
N LEU A 268 -21.69 -10.23 3.76
CA LEU A 268 -20.27 -10.53 3.82
C LEU A 268 -19.82 -11.31 2.59
N GLN A 269 -20.69 -12.23 2.14
CA GLN A 269 -20.11 -13.13 1.18
C GLN A 269 -20.11 -12.47 -0.19
N GLU A 270 -20.96 -11.44 -0.34
CA GLU A 270 -20.92 -10.72 -1.60
C GLU A 270 -19.56 -10.06 -1.73
N ILE A 271 -19.13 -9.44 -0.64
CA ILE A 271 -17.88 -8.69 -0.57
C ILE A 271 -16.71 -9.58 -0.94
N TYR A 272 -16.76 -10.87 -0.57
CA TYR A 272 -15.60 -11.74 -0.69
C TYR A 272 -15.39 -12.34 -2.11
N LYS A 273 -16.43 -12.40 -2.97
CA LYS A 273 -16.30 -12.98 -4.32
C LYS A 273 -15.34 -12.14 -5.19
N ASP A 274 -14.27 -12.74 -5.69
CA ASP A 274 -13.38 -11.96 -6.55
C ASP A 274 -13.33 -12.57 -7.97
N GLU B 6 13.07 25.11 5.37
CA GLU B 6 13.57 26.17 4.39
C GLU B 6 13.48 25.64 2.94
N SER B 7 12.80 26.40 2.07
CA SER B 7 12.62 25.99 0.69
C SER B 7 13.99 25.83 0.02
N ALA B 8 14.87 26.83 0.19
CA ALA B 8 16.22 26.81 -0.38
C ALA B 8 16.98 25.51 -0.09
N ASP B 9 16.79 24.98 1.13
CA ASP B 9 17.47 23.77 1.53
C ASP B 9 16.92 22.53 0.78
N LEU B 10 15.59 22.51 0.58
CA LEU B 10 14.95 21.42 -0.15
C LEU B 10 15.32 21.47 -1.62
N ARG B 11 15.49 22.70 -2.17
CA ARG B 11 15.89 22.90 -3.57
C ARG B 11 17.29 22.33 -3.79
N ALA B 12 18.17 22.64 -2.82
CA ALA B 12 19.52 22.09 -2.68
C ALA B 12 19.52 20.55 -2.75
N LEU B 13 18.93 19.92 -1.72
CA LEU B 13 18.85 18.45 -1.65
C LEU B 13 18.27 17.84 -2.93
N ALA B 14 17.32 18.56 -3.57
CA ALA B 14 16.72 18.06 -4.80
C ALA B 14 17.79 17.91 -5.86
N LYS B 15 18.56 19.00 -6.03
CA LYS B 15 19.55 19.06 -7.10
C LYS B 15 20.61 17.98 -6.84
N HIS B 16 20.96 17.83 -5.56
CA HIS B 16 22.00 16.89 -5.14
C HIS B 16 21.65 15.48 -5.60
N LEU B 17 20.42 15.07 -5.32
CA LEU B 17 19.98 13.69 -5.56
C LEU B 17 19.88 13.44 -7.07
N TYR B 18 19.35 14.43 -7.82
CA TYR B 18 19.25 14.36 -9.27
C TYR B 18 20.63 14.10 -9.87
N ASP B 19 21.61 14.97 -9.54
CA ASP B 19 22.96 14.81 -10.05
C ASP B 19 23.49 13.42 -9.72
N SER B 20 23.25 12.96 -8.49
CA SER B 20 23.75 11.64 -8.10
C SER B 20 23.11 10.54 -8.96
N TYR B 21 21.84 10.79 -9.32
CA TYR B 21 21.00 9.82 -10.00
C TYR B 21 21.55 9.63 -11.42
N ILE B 22 21.94 10.75 -11.99
CA ILE B 22 22.56 10.82 -13.30
C ILE B 22 23.82 9.95 -13.37
N LYS B 23 24.70 10.08 -12.37
CA LYS B 23 25.94 9.30 -12.33
C LYS B 23 25.60 7.82 -12.17
N SER B 24 24.61 7.53 -11.32
CA SER B 24 24.49 6.16 -10.88
C SER B 24 23.78 5.33 -11.95
N PHE B 25 22.85 5.97 -12.65
CA PHE B 25 22.00 5.26 -13.61
C PHE B 25 22.33 5.58 -15.06
N PRO B 26 23.06 4.66 -15.74
CA PRO B 26 23.52 4.93 -17.11
C PRO B 26 22.35 5.37 -18.01
N LEU B 27 21.23 4.65 -17.97
CA LEU B 27 20.18 4.87 -18.94
C LEU B 27 18.97 5.57 -18.31
N THR B 28 18.85 6.87 -18.59
CA THR B 28 17.81 7.71 -17.96
C THR B 28 16.43 7.48 -18.56
N LYS B 29 15.35 7.94 -17.87
CA LYS B 29 14.03 7.90 -18.47
C LYS B 29 13.93 8.86 -19.66
N ALA B 30 14.58 10.02 -19.57
CA ALA B 30 14.52 10.96 -20.67
C ALA B 30 15.18 10.31 -21.89
N LYS B 31 16.26 9.56 -21.62
CA LYS B 31 17.02 8.90 -22.67
C LYS B 31 16.13 7.79 -23.24
N ALA B 32 15.52 6.99 -22.35
CA ALA B 32 14.78 5.80 -22.77
C ALA B 32 13.55 6.18 -23.58
N ARG B 33 12.98 7.37 -23.30
CA ARG B 33 11.80 7.88 -23.99
C ARG B 33 12.18 8.32 -25.40
N ALA B 34 13.30 9.04 -25.52
CA ALA B 34 13.86 9.32 -26.87
C ALA B 34 13.81 8.03 -27.70
N ILE B 35 14.41 6.96 -27.14
CA ILE B 35 14.56 5.63 -27.78
C ILE B 35 13.19 5.02 -28.10
N LEU B 36 12.16 5.33 -27.29
CA LEU B 36 10.82 4.77 -27.56
C LEU B 36 10.11 5.62 -28.64
N THR B 37 10.03 6.97 -28.44
CA THR B 37 9.16 7.79 -29.31
C THR B 37 9.78 8.12 -30.69
N GLY B 38 11.03 8.63 -30.71
CA GLY B 38 11.71 9.07 -31.96
C GLY B 38 12.98 9.86 -31.59
N LYS B 39 14.11 9.68 -32.35
CA LYS B 39 15.44 10.01 -31.78
C LYS B 39 16.21 10.89 -32.77
N ASP B 42 19.84 7.22 -32.37
CA ASP B 42 19.23 7.33 -33.81
C ASP B 42 19.26 5.98 -34.62
N LYS B 43 19.64 4.93 -33.80
CA LYS B 43 19.39 3.55 -34.25
C LYS B 43 18.30 3.00 -33.32
N SER B 44 17.08 2.96 -33.87
CA SER B 44 15.96 2.22 -33.27
C SER B 44 16.43 0.82 -32.90
N PRO B 45 16.01 0.40 -31.71
CA PRO B 45 16.30 -0.96 -31.23
C PRO B 45 15.98 -2.05 -32.25
N PHE B 46 16.77 -3.14 -32.14
CA PHE B 46 16.44 -4.35 -32.78
C PHE B 46 15.22 -4.99 -32.11
N VAL B 47 14.13 -5.18 -32.84
CA VAL B 47 12.82 -5.53 -32.25
C VAL B 47 12.62 -7.05 -32.20
N ILE B 48 12.31 -7.52 -31.00
CA ILE B 48 12.14 -8.95 -30.82
C ILE B 48 10.66 -9.22 -30.49
N TYR B 49 10.02 -10.11 -31.27
CA TYR B 49 8.57 -10.27 -31.29
C TYR B 49 8.15 -11.60 -31.76
N ASP B 50 9.15 -12.47 -32.11
CA ASP B 50 9.00 -13.81 -32.51
C ASP B 50 10.07 -14.75 -31.94
N MET B 51 9.92 -16.05 -32.26
CA MET B 51 10.92 -17.00 -31.81
C MET B 51 12.22 -16.76 -32.67
N ASN B 52 12.09 -16.35 -34.00
CA ASN B 52 13.27 -16.13 -34.94
C ASN B 52 14.02 -14.88 -34.46
N SER B 53 13.23 -13.87 -34.05
CA SER B 53 13.77 -12.59 -33.65
C SER B 53 14.83 -12.78 -32.57
N LEU B 54 14.43 -13.42 -31.43
CA LEU B 54 15.31 -13.57 -30.28
C LEU B 54 16.65 -14.18 -30.75
N MET B 55 16.56 -15.11 -31.73
CA MET B 55 17.73 -15.88 -32.15
C MET B 55 18.73 -15.06 -32.97
N MET B 56 18.22 -14.27 -33.94
CA MET B 56 19.10 -13.36 -34.69
C MET B 56 19.57 -12.22 -33.81
N GLY B 57 18.85 -11.97 -32.71
CA GLY B 57 19.07 -10.79 -31.81
C GLY B 57 20.11 -11.06 -30.70
N GLU B 58 20.53 -12.35 -30.64
CA GLU B 58 21.65 -12.74 -29.79
C GLU B 58 22.94 -12.46 -30.57
N ASP B 59 22.86 -12.63 -31.90
CA ASP B 59 23.96 -12.31 -32.81
C ASP B 59 24.28 -10.79 -32.77
N LYS B 60 23.19 -9.98 -32.75
CA LYS B 60 23.33 -8.54 -33.02
C LYS B 60 23.00 -7.78 -31.74
N ILE B 61 23.09 -8.43 -30.53
CA ILE B 61 22.96 -7.74 -29.26
C ILE B 61 24.26 -6.98 -28.94
N GLU B 75 13.85 -24.26 -21.86
CA GLU B 75 15.11 -23.67 -22.40
C GLU B 75 14.75 -22.50 -23.33
N VAL B 76 13.62 -21.82 -23.06
CA VAL B 76 13.21 -20.69 -23.84
C VAL B 76 12.94 -19.55 -22.86
N ALA B 77 11.74 -19.66 -22.25
CA ALA B 77 11.30 -18.77 -21.20
C ALA B 77 12.20 -18.89 -19.96
N ILE B 78 13.11 -19.90 -20.01
CA ILE B 78 14.10 -20.11 -18.95
C ILE B 78 15.21 -19.06 -19.12
N ARG B 79 15.87 -19.12 -20.29
CA ARG B 79 16.98 -18.23 -20.59
C ARG B 79 16.57 -16.76 -20.38
N ILE B 80 15.33 -16.44 -20.84
CA ILE B 80 14.88 -15.06 -20.71
C ILE B 80 14.48 -14.68 -19.29
N PHE B 81 14.03 -15.63 -18.46
CA PHE B 81 13.86 -15.27 -17.07
C PHE B 81 15.23 -15.00 -16.44
N GLN B 82 16.17 -15.94 -16.66
CA GLN B 82 17.51 -15.85 -16.08
C GLN B 82 18.16 -14.53 -16.49
N GLY B 83 17.81 -14.08 -17.70
CA GLY B 83 18.30 -12.81 -18.20
C GLY B 83 17.84 -11.65 -17.33
N CYS B 84 16.57 -11.68 -16.90
CA CYS B 84 16.09 -10.66 -16.00
C CYS B 84 16.94 -10.71 -14.75
N GLN B 85 17.34 -11.94 -14.38
CA GLN B 85 18.08 -12.19 -13.16
C GLN B 85 19.43 -11.45 -13.19
N PHE B 86 20.29 -11.78 -14.17
CA PHE B 86 21.61 -11.19 -14.34
C PHE B 86 21.56 -9.68 -14.44
N ARG B 87 20.50 -9.12 -15.04
CA ARG B 87 20.39 -7.68 -15.12
C ARG B 87 20.00 -7.07 -13.77
N SER B 88 19.15 -7.78 -13.01
CA SER B 88 18.61 -7.30 -11.75
C SER B 88 19.73 -7.09 -10.77
N VAL B 89 20.72 -7.99 -10.89
CA VAL B 89 21.86 -7.92 -10.01
C VAL B 89 22.70 -6.69 -10.31
N GLU B 90 22.89 -6.35 -11.59
CA GLU B 90 23.49 -5.06 -11.96
C GLU B 90 22.71 -3.87 -11.37
N ALA B 91 21.39 -3.86 -11.51
CA ALA B 91 20.56 -2.85 -10.92
C ALA B 91 20.85 -2.70 -9.41
N VAL B 92 20.96 -3.84 -8.70
CA VAL B 92 21.12 -3.77 -7.26
C VAL B 92 22.37 -2.99 -6.90
N GLN B 93 23.38 -3.08 -7.78
CA GLN B 93 24.64 -2.43 -7.48
C GLN B 93 24.51 -0.96 -7.83
N GLU B 94 23.69 -0.68 -8.84
CA GLU B 94 23.46 0.70 -9.22
C GLU B 94 22.75 1.43 -8.08
N ILE B 95 21.66 0.83 -7.58
CA ILE B 95 20.87 1.47 -6.52
C ILE B 95 21.72 1.66 -5.26
N THR B 96 22.50 0.62 -4.93
CA THR B 96 23.40 0.65 -3.78
C THR B 96 24.36 1.86 -3.84
N GLU B 97 24.90 2.13 -5.03
CA GLU B 97 25.79 3.28 -5.10
C GLU B 97 25.02 4.61 -5.00
N TYR B 98 23.82 4.67 -5.59
CA TYR B 98 23.01 5.87 -5.45
C TYR B 98 22.68 6.03 -3.98
N ALA B 99 22.26 4.94 -3.32
CA ALA B 99 21.79 5.04 -1.96
C ALA B 99 22.81 5.79 -1.13
N LYS B 100 24.09 5.49 -1.36
CA LYS B 100 25.13 6.00 -0.49
C LYS B 100 25.31 7.53 -0.67
N SER B 101 24.76 8.08 -1.75
CA SER B 101 24.77 9.53 -1.88
C SER B 101 23.54 10.18 -1.22
N ILE B 102 22.68 9.43 -0.55
CA ILE B 102 21.56 10.09 0.07
C ILE B 102 22.00 10.59 1.44
N PRO B 103 21.95 11.92 1.68
CA PRO B 103 22.45 12.51 2.93
C PRO B 103 22.05 11.82 4.23
N GLY B 104 23.03 11.34 4.99
CA GLY B 104 22.79 10.71 6.29
C GLY B 104 22.83 9.19 6.20
N PHE B 105 22.42 8.64 5.03
CA PHE B 105 22.32 7.20 4.78
C PHE B 105 23.51 6.41 5.33
N VAL B 106 24.75 6.82 4.99
CA VAL B 106 25.97 6.08 5.36
C VAL B 106 26.23 6.23 6.86
N ASN B 107 25.55 7.21 7.47
CA ASN B 107 25.76 7.47 8.89
C ASN B 107 24.88 6.54 9.71
N LEU B 108 24.02 5.80 9.03
CA LEU B 108 23.14 4.88 9.74
C LEU B 108 23.89 3.61 10.11
N ASP B 109 23.39 2.98 11.19
CA ASP B 109 23.81 1.66 11.65
C ASP B 109 24.01 0.78 10.41
N LEU B 110 25.14 0.07 10.34
CA LEU B 110 25.42 -0.59 9.08
C LEU B 110 24.38 -1.67 8.81
N ASN B 111 23.95 -2.39 9.86
CA ASN B 111 22.89 -3.37 9.71
C ASN B 111 21.67 -2.70 9.11
N ASP B 112 21.42 -1.45 9.50
CA ASP B 112 20.25 -0.74 9.06
C ASP B 112 20.30 -0.53 7.55
N GLN B 113 21.47 -0.08 7.08
CA GLN B 113 21.69 0.19 5.67
C GLN B 113 21.45 -1.07 4.84
N VAL B 114 22.10 -2.19 5.24
CA VAL B 114 21.92 -3.48 4.57
C VAL B 114 20.45 -3.79 4.50
N THR B 115 19.70 -3.61 5.60
CA THR B 115 18.29 -3.94 5.62
C THR B 115 17.46 -3.13 4.63
N LEU B 116 17.62 -1.79 4.65
CA LEU B 116 16.82 -0.86 3.84
C LEU B 116 17.02 -1.18 2.37
N LEU B 117 18.29 -1.43 1.97
CA LEU B 117 18.61 -1.80 0.59
C LEU B 117 18.02 -3.16 0.28
N LYS B 118 18.30 -4.17 1.13
CA LYS B 118 17.81 -5.53 0.95
C LYS B 118 16.34 -5.54 0.57
N TYR B 119 15.51 -4.74 1.26
CA TYR B 119 14.07 -4.72 1.04
C TYR B 119 13.63 -3.69 0.02
N GLY B 120 14.40 -2.63 -0.22
CA GLY B 120 13.85 -1.57 -1.06
C GLY B 120 14.23 -1.72 -2.53
N VAL B 121 15.21 -2.61 -2.77
CA VAL B 121 15.80 -2.78 -4.08
C VAL B 121 14.73 -3.21 -5.12
N HIS B 122 13.83 -4.13 -4.76
CA HIS B 122 12.79 -4.54 -5.68
C HIS B 122 11.85 -3.40 -5.99
N GLU B 123 11.44 -2.67 -4.95
CA GLU B 123 10.44 -1.62 -5.13
C GLU B 123 10.99 -0.60 -6.13
N ILE B 124 12.29 -0.32 -5.99
CA ILE B 124 12.93 0.63 -6.89
C ILE B 124 13.13 0.00 -8.27
N ILE B 125 13.43 -1.32 -8.36
CA ILE B 125 13.69 -1.93 -9.66
C ILE B 125 12.50 -1.73 -10.59
N TYR B 126 11.30 -2.13 -10.13
CA TYR B 126 10.06 -1.95 -10.89
C TYR B 126 9.72 -0.47 -11.10
N THR B 127 10.14 0.40 -10.16
CA THR B 127 9.85 1.83 -10.30
C THR B 127 10.56 2.37 -11.54
N MET B 128 11.82 1.94 -11.68
CA MET B 128 12.63 2.46 -12.76
C MET B 128 12.43 1.57 -13.97
N LEU B 129 11.84 0.38 -13.75
CA LEU B 129 11.59 -0.50 -14.87
C LEU B 129 10.48 0.12 -15.73
N ALA B 130 9.57 0.82 -15.04
CA ALA B 130 8.50 1.56 -15.68
C ALA B 130 9.06 2.69 -16.57
N SER B 131 10.32 3.11 -16.41
CA SER B 131 10.79 4.15 -17.29
C SER B 131 11.13 3.53 -18.65
N LEU B 132 11.35 2.21 -18.67
CA LEU B 132 11.81 1.55 -19.90
C LEU B 132 10.64 0.84 -20.59
N MET B 133 9.40 1.11 -20.14
CA MET B 133 8.27 0.43 -20.74
C MET B 133 7.33 1.42 -21.43
N ASN B 134 6.49 0.86 -22.28
CA ASN B 134 5.24 1.50 -22.67
C ASN B 134 4.23 0.35 -22.65
N LYS B 135 3.08 0.57 -23.34
CA LYS B 135 1.98 -0.40 -23.38
C LYS B 135 2.30 -1.60 -24.28
N ASP B 136 3.32 -1.49 -25.16
CA ASP B 136 3.58 -2.49 -26.19
C ASP B 136 4.97 -3.15 -26.12
N GLY B 137 5.74 -2.84 -25.08
CA GLY B 137 7.02 -3.51 -24.93
C GLY B 137 7.95 -2.84 -23.91
N VAL B 138 9.14 -3.42 -23.79
CA VAL B 138 10.15 -2.95 -22.85
C VAL B 138 11.51 -2.96 -23.56
N LEU B 139 12.28 -1.87 -23.40
CA LEU B 139 13.67 -1.84 -23.86
C LEU B 139 14.49 -2.88 -23.11
N ILE B 140 15.38 -3.54 -23.87
CA ILE B 140 16.37 -4.40 -23.26
C ILE B 140 17.79 -3.93 -23.65
N SER B 141 18.80 -4.42 -22.93
CA SER B 141 20.18 -4.33 -23.38
C SER B 141 20.65 -2.88 -23.45
N GLU B 142 20.41 -2.09 -22.39
CA GLU B 142 20.79 -0.69 -22.42
C GLU B 142 20.18 -0.04 -23.68
N GLY B 143 18.93 -0.45 -23.96
CA GLY B 143 18.07 0.23 -24.90
C GLY B 143 18.43 -0.17 -26.34
N GLN B 144 19.30 -1.17 -26.48
CA GLN B 144 19.75 -1.63 -27.80
C GLN B 144 18.61 -2.34 -28.54
N GLY B 145 17.64 -2.88 -27.74
CA GLY B 145 16.56 -3.58 -28.25
C GLY B 145 15.20 -3.24 -27.67
N PHE B 146 14.15 -3.87 -28.19
CA PHE B 146 12.80 -3.65 -27.72
C PHE B 146 12.05 -4.99 -27.78
N MET B 147 11.89 -5.58 -26.57
CA MET B 147 11.09 -6.81 -26.42
C MET B 147 9.63 -6.36 -26.35
N THR B 148 8.77 -6.93 -27.23
CA THR B 148 7.33 -6.61 -27.19
C THR B 148 6.68 -7.24 -25.95
N ARG B 149 5.62 -6.59 -25.47
CA ARG B 149 4.85 -7.14 -24.36
C ARG B 149 4.10 -8.38 -24.86
N GLU B 150 3.79 -8.39 -26.17
CA GLU B 150 3.00 -9.45 -26.78
C GLU B 150 3.75 -10.78 -26.68
N PHE B 151 5.05 -10.78 -27.10
CA PHE B 151 5.86 -11.99 -27.15
C PHE B 151 6.04 -12.52 -25.73
N LEU B 152 6.17 -11.60 -24.76
CA LEU B 152 6.30 -11.98 -23.35
C LEU B 152 5.02 -12.70 -22.89
N LYS B 153 3.85 -12.01 -23.07
CA LYS B 153 2.61 -12.63 -22.59
C LYS B 153 2.54 -14.09 -23.11
N SER B 154 3.22 -14.34 -24.24
CA SER B 154 3.03 -15.62 -24.94
C SER B 154 3.95 -16.71 -24.38
N LEU B 155 4.82 -16.37 -23.41
CA LEU B 155 5.79 -17.36 -22.89
C LEU B 155 5.07 -18.47 -22.11
N ARG B 156 5.54 -19.73 -22.22
CA ARG B 156 4.85 -20.87 -21.57
C ARG B 156 4.70 -20.59 -20.07
N LYS B 157 3.58 -21.06 -19.46
CA LYS B 157 3.37 -20.74 -18.06
C LYS B 157 4.44 -21.51 -17.28
N PRO B 158 4.89 -21.00 -16.10
CA PRO B 158 4.33 -19.80 -15.47
C PRO B 158 5.05 -18.55 -15.94
N PHE B 159 5.83 -18.74 -17.03
CA PHE B 159 6.65 -17.66 -17.58
C PHE B 159 5.76 -16.59 -18.25
N GLY B 160 4.55 -17.01 -18.65
CA GLY B 160 3.62 -16.06 -19.27
C GLY B 160 3.36 -14.84 -18.37
N ASP B 161 2.89 -15.11 -17.15
CA ASP B 161 2.23 -14.03 -16.44
C ASP B 161 3.23 -13.32 -15.57
N PHE B 162 4.51 -13.35 -15.98
CA PHE B 162 5.58 -12.87 -15.13
C PHE B 162 5.71 -11.36 -15.27
N MET B 163 5.77 -10.93 -16.55
CA MET B 163 6.09 -9.55 -16.88
C MET B 163 4.82 -8.73 -17.08
N GLU B 164 3.68 -9.41 -17.15
CA GLU B 164 2.39 -8.76 -17.36
C GLU B 164 2.08 -7.74 -16.26
N PRO B 165 2.05 -8.13 -14.97
CA PRO B 165 1.62 -7.22 -13.90
C PRO B 165 2.50 -5.98 -13.81
N LYS B 166 3.71 -6.09 -14.36
CA LYS B 166 4.70 -5.01 -14.40
C LYS B 166 4.33 -4.02 -15.50
N PHE B 167 3.73 -4.52 -16.59
CA PHE B 167 3.30 -3.65 -17.67
C PHE B 167 2.16 -2.79 -17.16
N GLU B 168 1.23 -3.46 -16.43
CA GLU B 168 0.03 -2.83 -15.91
C GLU B 168 0.42 -1.63 -15.06
N PHE B 169 1.27 -1.88 -14.04
CA PHE B 169 1.74 -0.84 -13.11
C PHE B 169 2.41 0.31 -13.88
N ALA B 170 3.30 -0.07 -14.79
CA ALA B 170 4.01 0.87 -15.63
C ALA B 170 3.06 1.82 -16.35
N VAL B 171 2.04 1.28 -17.02
CA VAL B 171 1.18 2.22 -17.75
C VAL B 171 0.51 3.18 -16.76
N LYS B 172 -0.02 2.65 -15.66
CA LYS B 172 -0.66 3.57 -14.74
C LYS B 172 0.38 4.56 -14.21
N PHE B 173 1.56 4.01 -13.83
CA PHE B 173 2.62 4.81 -13.21
C PHE B 173 3.14 5.90 -14.13
N ASN B 174 3.43 5.56 -15.39
CA ASN B 174 3.96 6.49 -16.38
C ASN B 174 3.02 7.66 -16.65
N ALA B 175 1.71 7.44 -16.41
CA ALA B 175 0.65 8.38 -16.70
C ALA B 175 0.76 9.59 -15.80
N LEU B 176 1.62 9.49 -14.77
CA LEU B 176 1.75 10.59 -13.86
C LEU B 176 2.71 11.59 -14.47
N GLU B 177 3.43 11.11 -15.50
CA GLU B 177 4.45 11.84 -16.26
C GLU B 177 5.49 12.43 -15.32
N LEU B 178 6.18 11.59 -14.59
CA LEU B 178 7.27 12.04 -13.77
C LEU B 178 8.54 12.04 -14.61
N ASP B 179 9.50 12.89 -14.24
CA ASP B 179 10.78 12.88 -14.96
C ASP B 179 11.86 12.34 -14.02
N ASP B 180 13.12 12.42 -14.45
CA ASP B 180 14.24 11.93 -13.65
C ASP B 180 14.44 12.71 -12.35
N SER B 181 14.33 14.04 -12.38
CA SER B 181 14.55 14.85 -11.19
C SER B 181 13.53 14.46 -10.12
N ASP B 182 12.30 14.17 -10.58
CA ASP B 182 11.20 13.75 -9.73
C ASP B 182 11.49 12.38 -9.14
N LEU B 183 11.76 11.41 -10.02
CA LEU B 183 12.03 10.06 -9.57
C LEU B 183 13.22 10.03 -8.59
N ALA B 184 14.22 10.90 -8.82
CA ALA B 184 15.42 10.86 -8.01
C ALA B 184 15.01 10.93 -6.55
N ILE B 185 14.18 11.92 -6.24
CA ILE B 185 13.77 12.08 -4.86
C ILE B 185 12.88 10.91 -4.50
N PHE B 186 11.93 10.59 -5.39
CA PHE B 186 11.03 9.48 -5.12
C PHE B 186 11.84 8.24 -4.75
N ILE B 187 12.87 7.91 -5.54
CA ILE B 187 13.66 6.70 -5.27
C ILE B 187 14.14 6.72 -3.82
N ALA B 188 14.68 7.87 -3.42
CA ALA B 188 15.31 8.03 -2.13
C ALA B 188 14.26 7.80 -1.02
N VAL B 189 13.04 8.33 -1.24
CA VAL B 189 11.94 8.09 -0.32
C VAL B 189 11.65 6.60 -0.09
N ILE B 190 11.74 5.76 -1.12
CA ILE B 190 11.45 4.36 -0.92
C ILE B 190 12.51 3.75 -0.03
N ILE B 191 13.77 4.12 -0.26
CA ILE B 191 14.89 3.42 0.35
C ILE B 191 14.83 3.58 1.87
N LEU B 192 14.44 4.79 2.32
CA LEU B 192 14.48 5.14 3.72
C LEU B 192 13.08 4.99 4.34
N SER B 193 12.50 3.80 4.20
CA SER B 193 11.23 3.47 4.81
C SER B 193 11.52 2.91 6.18
N GLY B 194 11.00 3.53 7.22
CA GLY B 194 11.31 3.07 8.56
C GLY B 194 10.46 1.86 8.96
N ASP B 195 9.69 1.31 8.04
CA ASP B 195 8.91 0.14 8.40
C ASP B 195 9.51 -1.16 7.84
N ARG B 196 10.79 -1.15 7.49
CA ARG B 196 11.35 -2.42 7.07
C ARG B 196 11.48 -3.35 8.28
N PRO B 197 11.22 -4.64 8.12
CA PRO B 197 11.48 -5.57 9.21
C PRO B 197 12.97 -5.54 9.56
N GLY B 198 13.23 -5.57 10.88
CA GLY B 198 14.54 -5.84 11.46
C GLY B 198 15.32 -4.56 11.81
N LEU B 199 14.78 -3.38 11.49
CA LEU B 199 15.50 -2.14 11.71
C LEU B 199 15.85 -1.95 13.20
N LEU B 200 17.10 -1.56 13.47
CA LEU B 200 17.63 -1.39 14.81
C LEU B 200 17.41 0.04 15.30
N ASN B 201 17.56 1.02 14.40
CA ASN B 201 17.30 2.41 14.77
C ASN B 201 16.38 3.09 13.75
N VAL B 202 15.08 3.25 14.09
CA VAL B 202 14.09 3.76 13.16
C VAL B 202 14.17 5.29 13.10
N LYS B 203 14.35 5.90 14.27
CA LYS B 203 14.32 7.35 14.44
C LYS B 203 14.97 8.06 13.24
N PRO B 204 16.31 7.92 13.06
CA PRO B 204 17.08 8.66 12.06
C PRO B 204 16.67 8.35 10.63
N ILE B 205 16.20 7.12 10.38
CA ILE B 205 15.72 6.75 9.06
C ILE B 205 14.49 7.59 8.68
N GLU B 206 13.55 7.70 9.62
CA GLU B 206 12.33 8.45 9.37
C GLU B 206 12.67 9.93 9.29
N ASP B 207 13.69 10.33 10.06
CA ASP B 207 14.14 11.71 10.05
C ASP B 207 14.59 12.07 8.65
N ILE B 208 15.39 11.18 8.03
CA ILE B 208 15.85 11.45 6.68
C ILE B 208 14.65 11.41 5.74
N GLN B 209 13.73 10.47 5.98
CA GLN B 209 12.60 10.27 5.08
C GLN B 209 11.76 11.55 5.03
N ASP B 210 11.57 12.09 6.21
CA ASP B 210 10.76 13.27 6.41
C ASP B 210 11.30 14.41 5.53
N ASN B 211 12.61 14.54 5.59
CA ASN B 211 13.36 15.54 4.85
C ASN B 211 13.19 15.27 3.35
N LEU B 212 13.29 13.99 2.95
CA LEU B 212 13.10 13.65 1.54
C LEU B 212 11.68 13.96 1.07
N LEU B 213 10.66 13.55 1.85
CA LEU B 213 9.26 13.74 1.47
C LEU B 213 8.99 15.23 1.36
N GLN B 214 9.57 15.98 2.26
CA GLN B 214 9.41 17.42 2.14
C GLN B 214 9.99 17.86 0.81
N ALA B 215 11.15 17.30 0.43
CA ALA B 215 11.85 17.72 -0.77
C ALA B 215 11.03 17.33 -2.00
N LEU B 216 10.39 16.16 -1.91
CA LEU B 216 9.66 15.61 -3.04
C LEU B 216 8.39 16.42 -3.24
N GLU B 217 7.80 16.78 -2.10
CA GLU B 217 6.58 17.59 -2.11
C GLU B 217 6.85 18.87 -2.90
N LEU B 218 8.04 19.50 -2.66
CA LEU B 218 8.33 20.83 -3.20
C LEU B 218 8.70 20.75 -4.69
N GLN B 219 9.51 19.74 -5.00
CA GLN B 219 9.83 19.34 -6.36
C GLN B 219 8.57 19.23 -7.23
N LEU B 220 7.62 18.38 -6.81
CA LEU B 220 6.41 18.14 -7.58
C LEU B 220 5.60 19.42 -7.80
N LYS B 221 5.49 20.28 -6.77
CA LYS B 221 4.67 21.47 -6.92
C LYS B 221 5.27 22.38 -7.99
N LEU B 222 6.59 22.63 -7.93
CA LEU B 222 7.20 23.57 -8.87
C LEU B 222 7.32 22.90 -10.23
N ASN B 223 7.61 21.60 -10.24
CA ASN B 223 7.93 20.99 -11.52
C ASN B 223 6.63 20.61 -12.21
N HIS B 224 5.54 20.44 -11.43
CA HIS B 224 4.24 19.98 -11.93
C HIS B 224 3.14 20.83 -11.32
N PRO B 225 3.17 22.15 -11.45
CA PRO B 225 2.28 23.02 -10.67
C PRO B 225 0.81 22.88 -11.11
N GLU B 226 0.54 22.31 -12.29
CA GLU B 226 -0.84 22.15 -12.73
C GLU B 226 -1.43 20.85 -12.18
N SER B 227 -0.57 19.85 -11.96
CA SER B 227 -0.95 18.55 -11.48
C SER B 227 -1.31 18.61 -9.98
N SER B 228 -2.61 18.70 -9.67
CA SER B 228 -2.99 18.79 -8.26
C SER B 228 -2.71 17.49 -7.52
N GLN B 229 -2.27 17.67 -6.26
CA GLN B 229 -2.06 16.58 -5.32
C GLN B 229 -1.22 15.46 -5.93
N LEU B 230 -0.36 15.78 -6.91
CA LEU B 230 0.45 14.75 -7.56
C LEU B 230 1.23 13.97 -6.51
N PHE B 231 1.65 14.69 -5.46
CA PHE B 231 2.40 14.14 -4.35
C PHE B 231 1.64 12.96 -3.71
N ALA B 232 0.42 13.26 -3.25
CA ALA B 232 -0.41 12.23 -2.67
C ALA B 232 -0.51 11.04 -3.61
N LYS B 233 -0.84 11.28 -4.89
CA LYS B 233 -1.06 10.21 -5.86
C LYS B 233 0.16 9.33 -5.94
N LEU B 234 1.35 9.97 -6.08
CA LEU B 234 2.61 9.26 -6.27
C LEU B 234 2.87 8.43 -5.03
N LEU B 235 2.51 8.98 -3.86
CA LEU B 235 2.64 8.25 -2.59
C LEU B 235 1.80 7.00 -2.53
N GLN B 236 0.54 7.04 -2.98
CA GLN B 236 -0.33 5.85 -2.96
C GLN B 236 0.22 4.78 -3.92
N LYS B 237 1.08 5.19 -4.87
CA LYS B 237 1.56 4.24 -5.88
C LYS B 237 2.46 3.22 -5.18
N MET B 238 2.82 3.48 -3.90
CA MET B 238 3.77 2.62 -3.23
C MET B 238 3.05 1.36 -2.82
N THR B 239 1.71 1.46 -2.65
CA THR B 239 0.97 0.26 -2.34
C THR B 239 1.09 -0.70 -3.53
N ASP B 240 1.01 -0.13 -4.74
CA ASP B 240 1.09 -0.88 -5.98
C ASP B 240 2.41 -1.66 -6.05
N LEU B 241 3.51 -0.93 -5.76
CA LEU B 241 4.86 -1.48 -5.74
C LEU B 241 4.93 -2.68 -4.80
N ARG B 242 4.38 -2.52 -3.58
CA ARG B 242 4.48 -3.56 -2.56
C ARG B 242 3.66 -4.76 -2.95
N GLN B 243 2.48 -4.52 -3.54
CA GLN B 243 1.71 -5.64 -4.06
C GLN B 243 2.54 -6.35 -5.15
N ILE B 244 3.02 -5.59 -6.16
CA ILE B 244 3.87 -6.16 -7.21
C ILE B 244 5.00 -7.03 -6.65
N VAL B 245 5.79 -6.49 -5.70
CA VAL B 245 6.94 -7.23 -5.20
C VAL B 245 6.44 -8.54 -4.60
N THR B 246 5.33 -8.44 -3.86
CA THR B 246 4.88 -9.58 -3.08
C THR B 246 4.55 -10.70 -4.05
N GLU B 247 3.77 -10.31 -5.09
CA GLU B 247 3.24 -11.22 -6.09
C GLU B 247 4.41 -11.77 -6.92
N HIS B 248 5.51 -10.98 -7.03
CA HIS B 248 6.72 -11.44 -7.68
C HIS B 248 7.37 -12.60 -6.90
N VAL B 249 7.75 -12.34 -5.63
CA VAL B 249 8.25 -13.36 -4.72
C VAL B 249 7.33 -14.59 -4.78
N GLN B 250 6.02 -14.35 -4.77
CA GLN B 250 5.06 -15.45 -4.76
C GLN B 250 5.18 -16.32 -6.02
N LEU B 251 5.58 -15.77 -7.20
CA LEU B 251 5.85 -16.54 -8.43
C LEU B 251 7.27 -17.13 -8.42
N LEU B 252 8.20 -16.46 -7.73
CA LEU B 252 9.55 -16.97 -7.59
C LEU B 252 9.51 -18.36 -6.96
N GLN B 253 8.82 -18.48 -5.78
CA GLN B 253 8.69 -19.74 -5.06
C GLN B 253 8.10 -20.85 -5.95
N VAL B 254 7.29 -20.46 -6.96
CA VAL B 254 6.64 -21.37 -7.91
C VAL B 254 7.60 -21.77 -9.04
N ILE B 255 8.53 -20.82 -9.37
CA ILE B 255 9.63 -21.05 -10.32
C ILE B 255 10.55 -22.12 -9.72
N LYS B 256 10.87 -21.93 -8.42
CA LYS B 256 11.69 -22.87 -7.64
C LYS B 256 11.08 -24.30 -7.61
N LYS B 257 9.78 -24.45 -7.90
CA LYS B 257 9.10 -25.75 -7.87
C LYS B 257 9.00 -26.39 -9.27
N THR B 258 8.62 -25.61 -10.29
CA THR B 258 8.41 -26.12 -11.65
C THR B 258 9.65 -25.89 -12.54
N GLU B 259 10.79 -25.51 -11.90
CA GLU B 259 12.09 -25.28 -12.57
C GLU B 259 13.13 -26.31 -12.14
N THR B 260 13.04 -27.48 -12.80
CA THR B 260 14.01 -28.57 -12.71
C THR B 260 15.41 -28.06 -13.09
N ASP B 261 15.47 -27.08 -14.04
CA ASP B 261 16.71 -26.69 -14.71
C ASP B 261 17.33 -25.44 -14.05
N MET B 262 16.55 -24.34 -13.98
CA MET B 262 16.97 -23.10 -13.32
C MET B 262 18.20 -23.33 -12.38
N PRO B 266 25.32 -23.91 -10.11
CA PRO B 266 26.32 -24.22 -8.97
C PRO B 266 26.76 -22.90 -8.22
N LEU B 267 27.98 -22.47 -8.62
CA LEU B 267 28.59 -21.21 -8.17
C LEU B 267 27.79 -20.00 -8.74
N LEU B 268 27.22 -20.15 -9.96
CA LEU B 268 26.41 -19.10 -10.60
C LEU B 268 25.09 -18.90 -9.85
N GLN B 269 24.45 -19.99 -9.40
CA GLN B 269 23.23 -19.90 -8.58
C GLN B 269 23.56 -19.10 -7.33
N GLU B 270 24.82 -19.24 -6.86
CA GLU B 270 25.31 -18.59 -5.63
C GLU B 270 25.38 -17.06 -5.80
N ILE B 271 25.83 -16.60 -6.96
CA ILE B 271 25.87 -15.16 -7.24
C ILE B 271 24.47 -14.53 -7.13
N TYR B 272 23.40 -15.33 -7.36
CA TYR B 272 21.99 -14.88 -7.46
C TYR B 272 21.10 -15.48 -6.34
C1 5YW C . -20.04 -12.60 24.08
C2 5YW C . -19.77 -13.54 22.88
C3 5YW C . -18.86 -12.80 21.91
O1 5YW C . -19.46 -11.52 21.61
C4 5YW C . -18.77 -10.72 20.73
C5 5YW C . -17.53 -11.06 20.20
C6 5YW C . -16.90 -10.22 19.32
C7 5YW C . -17.49 -8.99 18.96
N1 5YW C . -16.66 -8.23 18.08
C8 5YW C . -15.35 -8.58 17.83
O2 5YW C . -14.78 -9.51 18.46
C9 5YW C . -14.70 -7.97 16.65
C10 5YW C . -14.37 -8.84 15.57
C11 5YW C . -13.82 -8.24 14.36
C12 5YW C . -12.77 -8.82 13.64
C13 5YW C . -12.29 -8.20 12.49
C14 5YW C . -12.84 -6.99 12.09
C15 5YW C . -13.87 -6.39 12.81
C16 5YW C . -14.37 -7.01 13.95
C17 5YW C . -18.73 -8.64 19.51
C18 5YW C . -19.38 -9.50 20.40
C19 5YW C . -20.72 -9.13 20.99
N2 5YW C . -21.75 -8.95 19.96
C20 5YW C . -22.37 -9.98 19.33
O3 5YW C . -21.76 -11.05 19.04
C21 5YW C . -23.86 -9.81 19.10
C22 5YW C . -24.50 -8.63 19.53
C23 5YW C . -25.89 -8.46 19.36
C24 5YW C . -26.66 -9.48 18.74
C25 5YW C . -28.13 -9.32 18.60
N3 5YW C . -28.65 -8.13 19.01
C26 5YW C . -30.00 -8.03 18.91
C27 5YW C . -30.82 -9.08 18.42
C28 5YW C . -30.17 -10.27 18.03
N4 5YW C . -28.83 -10.42 18.13
C29 5YW C . -26.02 -10.68 18.33
C30 5YW C . -24.64 -10.85 18.52
#